data_6U11
#
_entry.id   6U11
#
_cell.length_a   67.019
_cell.length_b   383.969
_cell.length_c   96.767
_cell.angle_alpha   90.000
_cell.angle_beta   90.000
_cell.angle_gamma   90.000
#
_symmetry.space_group_name_H-M   'C 2 2 21'
#
loop_
_entity.id
_entity.type
_entity.pdbx_description
1 polymer 'EGF-like domain-containing protein'
2 branched 2-acetamido-2-deoxy-beta-D-glucopyranose-(1-4)-[alpha-L-fucopyranose-(1-6)]2-acetamido-2-deoxy-beta-D-glucopyranose
3 branched 2-acetamido-2-deoxy-beta-D-glucopyranose-(1-4)-2-acetamido-2-deoxy-beta-D-glucopyranose
4 non-polymer 2-acetamido-2-deoxy-beta-D-glucopyranose
5 non-polymer 'POTASSIUM ION'
6 water water
#
_entity_poly.entity_id   1
_entity_poly.type   'polypeptide(L)'
_entity_poly.pdbx_seq_one_letter_code
;DRHHHHHHGSRSSLNDDLLSPYQPHAKHGPSHSYRHVRDSQPVIHGNRTHEEWPSSNSTWMPVATTRIFESKFPTTSGMK
TAYGHFTYVNNPLRTFSVLEPGGPGGCSKKLTATVEETIKHGNCFVAQNGGYFDMDTGNCFGNIVSDGKLVQSAKGIQNA
QFGIKSDGTLIFGYLSEEQVLEAENPFVQLLSGVVWLLRNGEVYINQSKAAESDKTQTTGDFDHFINVISARTAIGHDRE
GRLIIFHVDGQTDDRGLNLWELANFLKDQGVINAINLDGGGSATLVINGTLANYPSDHCHYNPMWRCPRSISTVVCVHEP
FCDPPDCSGHGQCILGECQCTDFWTGPACSVLSCGPLNCSAHGNCTEGGCVCDQGWIGADCNISCVHGYYGEGCRRKCPC
QNNSTCNHVDGSCQCSDGYTGLYCEEECPLGFYGAGCQHACHCKNQSYCDHLTGSCNITKKPSLNELSSKVGQSMETLLS
TSLKNTRHSETAVNIFA
;
_entity_poly.pdbx_strand_id   A
#
# COMPACT_ATOMS: atom_id res chain seq x y z
N SER A 10 -14.92 12.78 12.83
CA SER A 10 -13.67 13.32 13.38
C SER A 10 -12.65 13.58 12.28
N ARG A 11 -13.08 14.31 11.25
CA ARG A 11 -12.15 14.71 10.20
C ARG A 11 -11.02 15.54 10.78
N SER A 12 -9.79 15.21 10.40
CA SER A 12 -8.64 16.04 10.73
C SER A 12 -8.19 16.90 9.55
N SER A 13 -8.45 16.44 8.32
CA SER A 13 -8.11 17.19 7.12
C SER A 13 -9.36 17.36 6.27
N LEU A 14 -9.22 18.16 5.21
CA LEU A 14 -10.32 18.46 4.31
C LEU A 14 -10.44 17.47 3.16
N ASN A 15 -9.57 16.47 3.09
CA ASN A 15 -9.60 15.46 2.03
C ASN A 15 -9.66 16.12 0.65
N ASP A 16 -8.80 17.11 0.44
CA ASP A 16 -8.83 17.87 -0.81
C ASP A 16 -7.78 17.43 -1.81
N ASP A 17 -6.83 16.57 -1.42
CA ASP A 17 -5.88 15.99 -2.36
C ASP A 17 -6.30 14.55 -2.65
N LEU A 18 -7.36 14.42 -3.43
CA LEU A 18 -7.98 13.14 -3.71
C LEU A 18 -7.40 12.54 -4.98
N LEU A 19 -6.77 11.39 -4.85
CA LEU A 19 -6.22 10.62 -5.97
C LEU A 19 -7.02 9.32 -6.04
N SER A 20 -8.16 9.35 -6.77
CA SER A 20 -9.08 8.22 -6.80
C SER A 20 -8.86 7.37 -8.04
N PRO A 21 -8.72 6.05 -7.91
CA PRO A 21 -8.54 5.21 -9.11
C PRO A 21 -9.83 5.01 -9.90
N TYR A 22 -10.94 4.82 -9.20
CA TYR A 22 -12.22 4.49 -9.82
C TYR A 22 -13.26 5.56 -9.46
N GLN A 23 -14.27 5.69 -10.33
CA GLN A 23 -15.36 6.62 -10.13
C GLN A 23 -16.68 5.92 -10.42
N PRO A 24 -17.68 6.01 -9.52
CA PRO A 24 -17.62 6.67 -8.21
C PRO A 24 -16.78 5.88 -7.21
N HIS A 25 -16.45 6.49 -6.07
CA HIS A 25 -15.55 5.85 -5.12
C HIS A 25 -16.05 4.48 -4.69
N ALA A 26 -17.37 4.27 -4.73
CA ALA A 26 -17.95 3.05 -4.18
C ALA A 26 -17.65 1.84 -5.05
N LYS A 27 -17.64 2.01 -6.37
CA LYS A 27 -17.43 0.89 -7.30
C LYS A 27 -15.93 0.64 -7.45
N HIS A 28 -15.32 0.19 -6.35
CA HIS A 28 -13.87 0.03 -6.28
C HIS A 28 -13.46 -1.33 -6.82
N GLY A 29 -12.41 -1.33 -7.65
CA GLY A 29 -11.88 -2.55 -8.21
C GLY A 29 -12.56 -2.95 -9.49
N PRO A 30 -11.92 -3.81 -10.27
CA PRO A 30 -12.54 -4.30 -11.50
C PRO A 30 -13.65 -5.29 -11.20
N SER A 31 -14.59 -5.40 -12.14
CA SER A 31 -15.70 -6.33 -12.02
C SER A 31 -15.46 -7.64 -12.76
N HIS A 32 -14.42 -7.72 -13.58
CA HIS A 32 -14.18 -8.95 -14.33
C HIS A 32 -13.71 -10.07 -13.40
N SER A 33 -13.64 -11.26 -13.95
CA SER A 33 -13.41 -12.46 -13.16
C SER A 33 -11.92 -12.70 -12.94
N TYR A 34 -11.61 -13.39 -11.84
CA TYR A 34 -10.24 -13.86 -11.63
C TYR A 34 -9.76 -14.66 -12.83
N ARG A 35 -10.66 -15.45 -13.42
CA ARG A 35 -10.34 -16.16 -14.65
C ARG A 35 -9.73 -15.22 -15.68
N HIS A 36 -10.30 -14.01 -15.83
CA HIS A 36 -9.82 -13.11 -16.85
C HIS A 36 -8.44 -12.56 -16.54
N VAL A 37 -8.13 -12.33 -15.26
CA VAL A 37 -6.78 -11.91 -14.88
C VAL A 37 -5.77 -12.92 -15.36
N ARG A 38 -6.00 -14.19 -15.04
CA ARG A 38 -5.10 -15.25 -15.47
C ARG A 38 -5.03 -15.34 -16.99
N ASP A 39 -6.17 -15.20 -17.65
CA ASP A 39 -6.20 -15.36 -19.11
C ASP A 39 -5.46 -14.23 -19.80
N SER A 40 -5.57 -13.00 -19.30
CA SER A 40 -5.06 -11.82 -19.99
C SER A 40 -3.68 -11.37 -19.50
N GLN A 41 -3.06 -12.09 -18.56
CA GLN A 41 -1.72 -11.73 -18.15
C GLN A 41 -0.70 -12.31 -19.13
N PRO A 42 0.54 -11.80 -19.11
CA PRO A 42 1.55 -12.31 -20.04
C PRO A 42 1.72 -13.82 -19.92
N VAL A 43 1.86 -14.47 -21.07
CA VAL A 43 1.93 -15.93 -21.09
C VAL A 43 3.17 -16.42 -20.35
N ILE A 44 4.21 -15.59 -20.26
CA ILE A 44 5.43 -16.01 -19.58
C ILE A 44 5.12 -16.46 -18.16
N HIS A 45 4.08 -15.89 -17.55
CA HIS A 45 3.70 -16.23 -16.19
C HIS A 45 2.75 -17.42 -16.12
N GLY A 46 2.21 -17.86 -17.25
CA GLY A 46 1.35 -19.03 -17.24
C GLY A 46 0.09 -18.80 -16.43
N ASN A 47 -0.11 -19.63 -15.41
CA ASN A 47 -1.26 -19.55 -14.52
C ASN A 47 -0.89 -19.08 -13.11
N ARG A 48 0.32 -18.52 -12.95
CA ARG A 48 0.72 -17.92 -11.69
C ARG A 48 0.35 -16.44 -11.72
N THR A 49 -0.61 -16.05 -10.88
CA THR A 49 -1.02 -14.66 -10.79
C THR A 49 -0.38 -13.95 -9.61
N HIS A 50 0.63 -14.55 -8.98
CA HIS A 50 1.27 -13.96 -7.82
C HIS A 50 2.73 -14.40 -7.79
N GLU A 51 3.47 -13.81 -6.85
CA GLU A 51 4.88 -14.13 -6.64
C GLU A 51 5.12 -14.33 -5.15
N GLU A 52 6.06 -15.21 -4.84
CA GLU A 52 6.38 -15.57 -3.46
C GLU A 52 7.86 -15.30 -3.20
N TRP A 53 8.17 -14.98 -1.93
CA TRP A 53 9.55 -14.75 -1.54
C TRP A 53 9.68 -14.97 -0.05
N PRO A 54 10.74 -15.64 0.42
CA PRO A 54 10.87 -15.86 1.87
C PRO A 54 11.21 -14.57 2.59
N SER A 55 10.52 -14.33 3.70
CA SER A 55 10.82 -13.18 4.53
C SER A 55 12.10 -13.43 5.33
N SER A 56 12.85 -12.36 5.55
CA SER A 56 14.10 -12.48 6.30
C SER A 56 13.83 -12.89 7.74
N ASN A 57 14.69 -13.76 8.26
CA ASN A 57 14.61 -14.18 9.66
C ASN A 57 15.69 -13.51 10.51
N SER A 58 16.37 -12.50 9.98
CA SER A 58 17.44 -11.84 10.71
C SER A 58 16.90 -11.12 11.94
N THR A 59 17.53 -11.36 13.09
CA THR A 59 17.18 -10.69 14.33
C THR A 59 18.10 -9.52 14.64
N TRP A 60 18.88 -9.07 13.66
CA TRP A 60 19.75 -7.91 13.87
C TRP A 60 18.94 -6.73 14.37
N MET A 61 19.63 -5.82 15.07
CA MET A 61 19.01 -4.60 15.53
C MET A 61 19.39 -3.42 14.63
N PRO A 62 18.49 -2.46 14.42
CA PRO A 62 17.09 -2.45 14.87
C PRO A 62 16.18 -3.18 13.89
N VAL A 63 14.89 -3.25 14.23
CA VAL A 63 13.93 -3.91 13.33
C VAL A 63 13.82 -3.14 12.02
N ALA A 64 13.61 -1.83 12.11
CA ALA A 64 13.36 -0.99 10.95
C ALA A 64 14.43 0.09 10.84
N THR A 65 14.87 0.35 9.61
CA THR A 65 15.83 1.40 9.32
C THR A 65 15.23 2.31 8.25
N THR A 66 15.04 3.58 8.58
CA THR A 66 14.45 4.55 7.67
C THR A 66 15.54 5.40 7.04
N ARG A 67 15.39 5.71 5.75
CA ARG A 67 16.39 6.44 4.99
C ARG A 67 15.71 7.53 4.19
N ILE A 68 16.24 8.75 4.28
CA ILE A 68 15.67 9.94 3.66
C ILE A 68 16.23 10.09 2.25
N PHE A 69 15.43 10.65 1.35
CA PHE A 69 15.92 11.00 0.04
C PHE A 69 15.26 12.28 -0.45
N GLU A 70 16.02 13.03 -1.26
CA GLU A 70 15.55 14.21 -1.98
C GLU A 70 16.15 14.07 -3.38
N SER A 71 15.47 13.33 -4.23
CA SER A 71 16.03 12.88 -5.50
C SER A 71 15.40 13.62 -6.67
N LYS A 72 16.19 13.80 -7.73
CA LYS A 72 15.73 14.46 -8.94
C LYS A 72 15.21 13.43 -9.93
N PHE A 73 14.15 13.82 -10.65
CA PHE A 73 13.57 13.00 -11.70
C PHE A 73 13.41 13.85 -12.96
N PRO A 74 13.72 13.31 -14.13
CA PRO A 74 13.59 14.11 -15.35
C PRO A 74 12.15 14.32 -15.76
N THR A 75 11.84 15.56 -16.13
CA THR A 75 10.57 15.93 -16.74
C THR A 75 10.84 16.61 -18.08
N THR A 76 9.77 16.77 -18.86
CA THR A 76 9.90 17.50 -20.12
C THR A 76 10.35 18.93 -19.88
N SER A 77 9.93 19.52 -18.77
CA SER A 77 10.29 20.90 -18.42
C SER A 77 11.38 20.93 -17.35
N GLY A 78 12.51 20.31 -17.69
CA GLY A 78 13.64 20.27 -16.79
C GLY A 78 13.62 19.09 -15.83
N MET A 79 13.93 19.34 -14.57
CA MET A 79 13.99 18.31 -13.55
C MET A 79 13.00 18.64 -12.42
N LYS A 80 12.70 17.62 -11.61
CA LYS A 80 11.84 17.79 -10.45
C LYS A 80 12.43 17.02 -9.28
N THR A 81 12.15 17.49 -8.07
CA THR A 81 12.66 16.89 -6.84
C THR A 81 11.51 16.25 -6.06
N ALA A 82 11.78 15.08 -5.49
CA ALA A 82 10.78 14.33 -4.73
C ALA A 82 11.34 13.98 -3.36
N TYR A 83 10.63 14.38 -2.32
CA TYR A 83 11.00 14.09 -0.94
C TYR A 83 10.30 12.80 -0.51
N GLY A 84 10.99 11.98 0.28
CA GLY A 84 10.37 10.76 0.74
C GLY A 84 11.29 9.95 1.63
N HIS A 85 10.90 8.70 1.85
CA HIS A 85 11.62 7.80 2.75
C HIS A 85 11.53 6.36 2.24
N PHE A 86 12.61 5.62 2.44
CA PHE A 86 12.62 4.17 2.35
C PHE A 86 12.74 3.61 3.76
N THR A 87 11.91 2.63 4.11
CA THR A 87 12.00 1.95 5.39
C THR A 87 12.22 0.46 5.14
N TYR A 88 13.31 -0.07 5.68
CA TYR A 88 13.67 -1.48 5.52
C TYR A 88 13.36 -2.21 6.81
N VAL A 89 12.57 -3.27 6.71
CA VAL A 89 12.05 -4.00 7.86
C VAL A 89 12.65 -5.40 7.87
N ASN A 90 13.36 -5.73 8.94
CA ASN A 90 13.81 -7.10 9.16
C ASN A 90 12.73 -7.88 9.92
N ASN A 91 12.73 -9.19 9.71
CA ASN A 91 11.84 -10.10 10.42
C ASN A 91 10.37 -9.67 10.30
N PRO A 92 9.90 -9.36 9.10
CA PRO A 92 8.52 -8.85 8.96
C PRO A 92 7.46 -9.83 9.45
N LEU A 93 7.75 -11.13 9.51
CA LEU A 93 6.77 -12.06 10.04
C LEU A 93 6.40 -11.72 11.48
N ARG A 94 7.40 -11.35 12.28
CA ARG A 94 7.18 -11.07 13.70
C ARG A 94 7.00 -9.59 13.99
N THR A 95 7.43 -8.70 13.09
CA THR A 95 7.46 -7.27 13.37
C THR A 95 6.47 -6.45 12.57
N PHE A 96 5.90 -7.00 11.50
CA PHE A 96 4.98 -6.26 10.65
C PHE A 96 3.54 -6.68 10.94
N SER A 97 2.66 -5.69 11.03
CA SER A 97 1.25 -5.93 11.32
C SER A 97 0.39 -5.03 10.45
N VAL A 98 -0.84 -5.47 10.20
CA VAL A 98 -1.86 -4.69 9.50
C VAL A 98 -2.95 -4.38 10.51
N LEU A 99 -3.14 -3.09 10.79
CA LEU A 99 -4.05 -2.65 11.83
C LEU A 99 -5.31 -2.04 11.22
N GLU A 100 -6.45 -2.29 11.87
CA GLU A 100 -7.69 -1.64 11.47
C GLU A 100 -7.73 -0.22 12.02
N PRO A 101 -8.52 0.66 11.40
CA PRO A 101 -8.63 2.03 11.91
C PRO A 101 -9.23 2.05 13.31
N GLY A 102 -8.49 2.66 14.24
CA GLY A 102 -8.95 2.82 15.60
C GLY A 102 -8.75 1.62 16.51
N GLY A 103 -8.28 0.50 15.98
CA GLY A 103 -8.09 -0.70 16.76
C GLY A 103 -8.94 -1.84 16.25
N PRO A 104 -8.75 -3.04 16.82
CA PRO A 104 -9.51 -4.20 16.37
C PRO A 104 -11.00 -3.91 16.24
N GLY A 105 -11.63 -4.49 15.23
CA GLY A 105 -13.03 -4.23 14.95
C GLY A 105 -13.30 -2.90 14.29
N GLY A 106 -12.28 -2.23 13.77
CA GLY A 106 -12.49 -0.90 13.22
C GLY A 106 -13.19 -0.92 11.87
N CYS A 107 -12.74 -1.81 10.98
CA CYS A 107 -13.30 -1.81 9.63
C CYS A 107 -14.79 -2.15 9.62
N SER A 108 -15.25 -2.98 10.57
CA SER A 108 -16.67 -3.32 10.61
C SER A 108 -17.52 -2.13 11.00
N LYS A 109 -16.98 -1.24 11.84
CA LYS A 109 -17.68 -0.01 12.19
C LYS A 109 -17.49 1.09 11.15
N LYS A 110 -16.62 0.88 10.17
CA LYS A 110 -16.36 1.86 9.11
C LYS A 110 -15.74 3.12 9.69
N LEU A 111 -14.71 2.93 10.51
CA LEU A 111 -14.00 4.02 11.15
C LEU A 111 -12.87 4.53 10.26
N THR A 112 -12.62 5.83 10.34
CA THR A 112 -11.46 6.46 9.72
C THR A 112 -10.73 7.25 10.79
N ALA A 113 -9.40 7.09 10.83
CA ALA A 113 -8.59 7.72 11.86
C ALA A 113 -7.18 7.92 11.34
N THR A 114 -6.56 9.03 11.71
CA THR A 114 -5.19 9.26 11.32
C THR A 114 -4.30 8.14 11.83
N VAL A 115 -3.13 7.99 11.20
CA VAL A 115 -2.21 6.94 11.62
C VAL A 115 -1.76 7.18 13.05
N GLU A 116 -1.56 8.45 13.43
CA GLU A 116 -1.20 8.77 14.81
C GLU A 116 -2.25 8.22 15.78
N GLU A 117 -3.53 8.41 15.46
CA GLU A 117 -4.60 8.00 16.37
C GLU A 117 -4.68 6.47 16.47
N THR A 118 -4.48 5.78 15.34
CA THR A 118 -4.67 4.34 15.33
C THR A 118 -3.61 3.62 16.14
N ILE A 119 -2.37 4.10 16.10
CA ILE A 119 -1.26 3.44 16.77
C ILE A 119 -1.06 4.07 18.15
N LYS A 120 -2.12 4.65 18.70
CA LYS A 120 -1.99 5.45 19.91
C LYS A 120 -1.20 4.71 21.00
N HIS A 121 -1.61 3.48 21.31
CA HIS A 121 -0.96 2.68 22.35
C HIS A 121 -0.20 1.50 21.78
N GLY A 122 -0.24 1.27 20.47
CA GLY A 122 0.35 0.09 19.88
C GLY A 122 1.86 0.06 19.86
N ASN A 123 2.51 1.19 20.11
CA ASN A 123 3.97 1.28 20.09
C ASN A 123 4.54 0.74 18.77
N CYS A 124 4.28 1.51 17.71
CA CYS A 124 4.77 1.20 16.37
C CYS A 124 6.00 2.05 16.08
N PHE A 125 7.16 1.41 15.91
CA PHE A 125 8.35 2.12 15.48
C PHE A 125 8.05 2.99 14.27
N VAL A 126 7.58 2.36 13.19
CA VAL A 126 7.24 3.03 11.95
C VAL A 126 5.81 2.65 11.58
N ALA A 127 5.11 3.58 10.94
CA ALA A 127 3.73 3.34 10.55
C ALA A 127 3.38 4.26 9.39
N GLN A 128 2.70 3.70 8.40
CA GLN A 128 2.20 4.47 7.27
C GLN A 128 0.74 4.11 7.02
N ASN A 129 0.06 4.96 6.26
CA ASN A 129 -1.30 4.64 5.84
C ASN A 129 -1.29 3.34 5.03
N GLY A 130 -2.44 2.66 5.03
CA GLY A 130 -2.52 1.35 4.41
C GLY A 130 -3.30 1.32 3.10
N GLY A 131 -4.40 0.58 3.09
CA GLY A 131 -5.15 0.36 1.88
C GLY A 131 -6.14 1.47 1.59
N TYR A 132 -6.98 1.22 0.58
CA TYR A 132 -7.96 2.18 0.13
C TYR A 132 -9.25 2.06 0.93
N PHE A 133 -10.12 3.05 0.78
CA PHE A 133 -11.38 3.07 1.51
C PHE A 133 -12.32 4.07 0.85
N ASP A 134 -13.62 3.88 1.09
CA ASP A 134 -14.62 4.80 0.59
C ASP A 134 -14.56 6.09 1.41
N MET A 135 -14.32 7.21 0.72
CA MET A 135 -14.14 8.48 1.43
C MET A 135 -15.43 8.95 2.09
N ASP A 136 -16.58 8.68 1.47
CA ASP A 136 -17.84 9.18 2.00
C ASP A 136 -18.35 8.34 3.17
N THR A 137 -18.16 7.02 3.11
CA THR A 137 -18.75 6.12 4.10
C THR A 137 -17.75 5.54 5.08
N GLY A 138 -16.46 5.54 4.75
CA GLY A 138 -15.47 4.89 5.59
C GLY A 138 -15.34 3.41 5.39
N ASN A 139 -16.01 2.85 4.39
CA ASN A 139 -15.95 1.41 4.14
C ASN A 139 -14.55 1.01 3.69
N CYS A 140 -14.03 -0.05 4.30
CA CYS A 140 -12.73 -0.58 3.91
C CYS A 140 -12.87 -1.38 2.61
N PHE A 141 -11.79 -1.38 1.83
CA PHE A 141 -11.77 -2.01 0.52
C PHE A 141 -10.74 -3.13 0.48
N GLY A 142 -11.12 -4.26 -0.12
CA GLY A 142 -10.20 -5.35 -0.36
C GLY A 142 -10.06 -6.29 0.83
N ASN A 143 -9.21 -7.30 0.62
CA ASN A 143 -8.93 -8.27 1.66
C ASN A 143 -8.14 -7.63 2.79
N ILE A 144 -8.41 -8.09 4.02
CA ILE A 144 -7.74 -7.56 5.21
C ILE A 144 -7.56 -8.68 6.22
N VAL A 145 -6.29 -9.00 6.53
CA VAL A 145 -5.95 -9.95 7.58
C VAL A 145 -5.06 -9.23 8.57
N SER A 146 -5.54 -9.08 9.81
CA SER A 146 -4.87 -8.28 10.83
C SER A 146 -4.39 -9.22 11.94
N ASP A 147 -3.09 -9.47 11.95
CA ASP A 147 -2.46 -10.31 12.99
C ASP A 147 -3.17 -11.65 13.12
N GLY A 148 -3.28 -12.35 11.99
CA GLY A 148 -3.81 -13.70 11.96
C GLY A 148 -5.31 -13.81 11.83
N LYS A 149 -6.06 -12.74 12.14
CA LYS A 149 -7.51 -12.79 12.15
C LYS A 149 -8.05 -12.13 10.89
N LEU A 150 -8.81 -12.91 10.11
CA LEU A 150 -9.46 -12.37 8.92
C LEU A 150 -10.45 -11.28 9.32
N VAL A 151 -10.23 -10.07 8.82
CA VAL A 151 -11.13 -8.96 9.09
C VAL A 151 -12.27 -8.97 8.08
N GLN A 152 -11.93 -8.94 6.80
CA GLN A 152 -12.92 -9.01 5.73
C GLN A 152 -12.29 -9.60 4.49
N SER A 153 -13.11 -9.80 3.46
CA SER A 153 -12.68 -10.36 2.19
C SER A 153 -13.18 -9.48 1.06
N ALA A 154 -12.46 -9.51 -0.06
CA ALA A 154 -12.83 -8.76 -1.24
C ALA A 154 -13.90 -9.46 -2.07
N LYS A 155 -14.29 -10.67 -1.69
CA LYS A 155 -15.25 -11.46 -2.47
C LYS A 155 -14.79 -11.59 -3.93
N GLY A 156 -13.49 -11.76 -4.12
CA GLY A 156 -12.93 -12.04 -5.42
C GLY A 156 -12.57 -10.83 -6.27
N ILE A 157 -12.75 -9.62 -5.75
CA ILE A 157 -12.37 -8.43 -6.50
C ILE A 157 -10.85 -8.41 -6.66
N GLN A 158 -10.39 -8.10 -7.87
CA GLN A 158 -9.00 -8.28 -8.26
C GLN A 158 -8.26 -6.95 -8.24
N ASN A 159 -7.47 -6.75 -7.20
CA ASN A 159 -6.50 -5.67 -7.11
C ASN A 159 -5.18 -6.26 -6.62
N ALA A 160 -4.12 -5.46 -6.68
CA ALA A 160 -2.83 -5.91 -6.19
C ALA A 160 -2.92 -6.22 -4.69
N GLN A 161 -2.28 -7.32 -4.28
CA GLN A 161 -2.35 -7.78 -2.90
C GLN A 161 -0.95 -7.95 -2.33
N PHE A 162 -0.85 -7.79 -1.02
CA PHE A 162 0.36 -8.12 -0.29
C PHE A 162 -0.01 -8.79 1.02
N GLY A 163 0.69 -9.87 1.35
CA GLY A 163 0.43 -10.57 2.59
C GLY A 163 1.61 -11.41 3.02
N ILE A 164 1.61 -11.74 4.31
CA ILE A 164 2.61 -12.64 4.89
C ILE A 164 1.89 -13.92 5.32
N LYS A 165 2.52 -15.05 5.04
CA LYS A 165 1.95 -16.34 5.39
C LYS A 165 2.43 -16.77 6.77
N SER A 166 1.81 -17.83 7.30
CA SER A 166 2.14 -18.29 8.64
C SER A 166 3.58 -18.73 8.75
N ASP A 167 4.14 -19.29 7.68
CA ASP A 167 5.52 -19.74 7.66
C ASP A 167 6.49 -18.63 7.26
N GLY A 168 6.00 -17.42 7.02
CA GLY A 168 6.86 -16.30 6.71
C GLY A 168 7.07 -16.04 5.23
N THR A 169 6.17 -16.51 4.38
CA THR A 169 6.32 -16.31 2.94
C THR A 169 5.62 -15.02 2.53
N LEU A 170 6.33 -14.19 1.77
CA LEU A 170 5.79 -12.94 1.28
C LEU A 170 4.99 -13.18 0.01
N ILE A 171 3.75 -12.70 -0.02
CA ILE A 171 2.85 -12.90 -1.15
C ILE A 171 2.58 -11.55 -1.79
N PHE A 172 2.85 -11.46 -3.09
CA PHE A 172 2.55 -10.27 -3.88
C PHE A 172 1.82 -10.69 -5.15
N GLY A 173 0.77 -9.98 -5.50
CA GLY A 173 0.10 -10.18 -6.77
C GLY A 173 -1.39 -10.28 -6.61
N TYR A 174 -2.01 -10.96 -7.57
CA TYR A 174 -3.47 -11.11 -7.63
C TYR A 174 -3.86 -12.46 -7.06
N LEU A 175 -4.74 -12.44 -6.07
CA LEU A 175 -5.17 -13.64 -5.37
C LEU A 175 -6.66 -13.87 -5.60
N SER A 176 -7.02 -15.13 -5.88
CA SER A 176 -8.42 -15.50 -5.89
C SER A 176 -8.93 -15.62 -4.45
N GLU A 177 -10.25 -15.69 -4.31
CA GLU A 177 -10.84 -15.68 -2.98
C GLU A 177 -10.36 -16.87 -2.15
N GLU A 178 -10.35 -18.07 -2.76
CA GLU A 178 -9.94 -19.25 -2.00
C GLU A 178 -8.48 -19.17 -1.57
N GLN A 179 -7.63 -18.56 -2.40
CA GLN A 179 -6.24 -18.34 -1.99
C GLN A 179 -6.18 -17.48 -0.74
N VAL A 180 -7.08 -16.49 -0.63
CA VAL A 180 -7.11 -15.63 0.55
C VAL A 180 -7.60 -16.42 1.75
N LEU A 181 -8.68 -17.18 1.58
CA LEU A 181 -9.31 -17.91 2.68
C LEU A 181 -8.66 -19.26 2.95
N GLU A 182 -7.55 -19.55 2.29
CA GLU A 182 -6.85 -20.82 2.51
C GLU A 182 -6.62 -21.04 3.99
N ALA A 183 -6.91 -22.26 4.46
CA ALA A 183 -6.74 -22.61 5.87
C ALA A 183 -5.38 -23.23 6.16
N GLU A 184 -4.72 -23.82 5.16
CA GLU A 184 -3.39 -24.39 5.35
C GLU A 184 -2.35 -23.35 4.95
N ASN A 185 -1.37 -23.14 5.83
CA ASN A 185 -0.39 -22.08 5.67
C ASN A 185 -1.11 -20.76 5.39
N PRO A 186 -1.95 -20.30 6.29
CA PRO A 186 -2.83 -19.16 6.00
C PRO A 186 -2.10 -17.82 6.11
N PHE A 187 -2.75 -16.80 5.54
CA PHE A 187 -2.25 -15.44 5.69
C PHE A 187 -2.33 -15.02 7.15
N VAL A 188 -1.25 -14.39 7.64
CA VAL A 188 -1.25 -13.79 8.95
C VAL A 188 -1.33 -12.27 8.85
N GLN A 189 -0.89 -11.70 7.73
CA GLN A 189 -1.07 -10.31 7.44
C GLN A 189 -1.40 -10.17 5.95
N LEU A 190 -2.34 -9.30 5.61
CA LEU A 190 -2.76 -9.15 4.23
C LEU A 190 -3.55 -7.86 4.07
N LEU A 191 -3.24 -7.13 2.99
CA LEU A 191 -4.00 -5.93 2.63
C LEU A 191 -3.93 -5.77 1.12
N SER A 192 -4.76 -4.87 0.60
CA SER A 192 -4.93 -4.69 -0.84
C SER A 192 -4.64 -3.25 -1.23
N GLY A 193 -3.91 -3.09 -2.34
CA GLY A 193 -3.64 -1.79 -2.90
C GLY A 193 -4.28 -1.65 -4.26
N VAL A 194 -3.68 -0.84 -5.14
CA VAL A 194 -4.17 -0.67 -6.50
C VAL A 194 -2.99 -0.43 -7.42
N VAL A 195 -2.72 -1.39 -8.31
CA VAL A 195 -1.61 -1.40 -9.26
C VAL A 195 -0.46 -2.21 -8.69
N TRP A 196 -0.07 -3.26 -9.42
CA TRP A 196 1.11 -4.04 -9.11
C TRP A 196 2.31 -3.33 -9.73
N LEU A 197 3.14 -2.71 -8.89
CA LEU A 197 4.23 -1.89 -9.41
C LEU A 197 5.30 -2.75 -10.07
N LEU A 198 5.90 -3.67 -9.30
CA LEU A 198 6.97 -4.52 -9.79
C LEU A 198 6.60 -5.97 -9.58
N ARG A 199 6.85 -6.80 -10.59
CA ARG A 199 6.69 -8.24 -10.51
C ARG A 199 8.01 -8.90 -10.87
N ASN A 200 8.62 -9.56 -9.89
CA ASN A 200 9.90 -10.25 -10.09
C ASN A 200 10.92 -9.33 -10.77
N GLY A 201 11.08 -8.15 -10.19
CA GLY A 201 12.09 -7.21 -10.64
C GLY A 201 11.81 -6.50 -11.95
N GLU A 202 10.57 -6.54 -12.45
CA GLU A 202 10.22 -5.90 -13.70
C GLU A 202 9.03 -4.97 -13.50
N VAL A 203 9.03 -3.86 -14.25
CA VAL A 203 7.90 -2.94 -14.21
C VAL A 203 6.66 -3.66 -14.71
N TYR A 204 5.53 -3.44 -14.03
CA TYR A 204 4.32 -4.22 -14.25
C TYR A 204 3.10 -3.31 -14.34
N ILE A 205 3.29 -2.08 -14.84
CA ILE A 205 2.18 -1.13 -14.92
C ILE A 205 1.21 -1.54 -16.01
N ASN A 206 1.70 -1.65 -17.25
CA ASN A 206 0.85 -2.06 -18.35
C ASN A 206 0.04 -3.30 -17.99
N GLN A 207 0.68 -4.28 -17.35
CA GLN A 207 -0.02 -5.51 -16.99
C GLN A 207 -1.09 -5.26 -15.94
N SER A 208 -0.89 -4.25 -15.09
CA SER A 208 -1.90 -3.96 -14.06
C SER A 208 -3.13 -3.31 -14.66
N LYS A 209 -2.97 -2.53 -15.74
CA LYS A 209 -4.14 -1.98 -16.42
C LYS A 209 -5.09 -3.08 -16.85
N ALA A 210 -4.54 -4.15 -17.44
CA ALA A 210 -5.38 -5.24 -17.93
C ALA A 210 -6.01 -6.01 -16.78
N ALA A 211 -5.34 -6.08 -15.63
CA ALA A 211 -5.81 -6.90 -14.53
C ALA A 211 -6.75 -6.18 -13.58
N GLU A 212 -6.57 -4.87 -13.38
CA GLU A 212 -7.28 -4.13 -12.33
C GLU A 212 -8.23 -3.06 -12.86
N SER A 213 -8.51 -3.05 -14.16
CA SER A 213 -9.51 -2.15 -14.73
C SER A 213 -10.25 -2.89 -15.83
N ASP A 214 -11.58 -2.74 -15.83
CA ASP A 214 -12.40 -3.44 -16.80
C ASP A 214 -12.20 -2.88 -18.20
N LYS A 215 -12.30 -3.76 -19.20
CA LYS A 215 -12.22 -3.32 -20.59
C LYS A 215 -13.50 -2.64 -21.06
N THR A 216 -14.63 -2.92 -20.40
CA THR A 216 -15.88 -2.26 -20.78
C THR A 216 -15.81 -0.75 -20.53
N GLN A 217 -15.18 -0.36 -19.43
CA GLN A 217 -15.10 1.06 -19.07
C GLN A 217 -14.10 1.78 -19.96
N THR A 218 -14.24 3.10 -20.01
CA THR A 218 -13.30 3.94 -20.74
C THR A 218 -11.94 3.90 -20.06
N THR A 219 -10.88 3.83 -20.88
CA THR A 219 -9.50 3.85 -20.37
C THR A 219 -9.08 5.30 -20.08
N GLY A 220 -9.83 5.94 -19.20
CA GLY A 220 -9.60 7.34 -18.87
C GLY A 220 -9.35 7.59 -17.40
N ASP A 221 -10.26 7.11 -16.54
CA ASP A 221 -10.12 7.36 -15.12
C ASP A 221 -8.93 6.60 -14.53
N PHE A 222 -8.70 5.37 -15.01
CA PHE A 222 -7.60 4.57 -14.47
C PHE A 222 -6.26 5.04 -15.03
N ASP A 223 -6.21 5.40 -16.31
CA ASP A 223 -4.97 5.91 -16.88
C ASP A 223 -4.52 7.17 -16.19
N HIS A 224 -5.46 8.05 -15.83
CA HIS A 224 -5.10 9.24 -15.07
C HIS A 224 -4.52 8.87 -13.71
N PHE A 225 -5.08 7.84 -13.07
CA PHE A 225 -4.56 7.40 -11.79
C PHE A 225 -3.12 6.94 -11.88
N ILE A 226 -2.72 6.43 -13.04
CA ILE A 226 -1.36 5.92 -13.22
C ILE A 226 -0.41 7.01 -13.71
N ASN A 227 -0.88 7.92 -14.55
CA ASN A 227 -0.01 8.88 -15.20
C ASN A 227 0.11 10.19 -14.43
N VAL A 228 -0.87 10.54 -13.61
CA VAL A 228 -0.78 11.76 -12.83
C VAL A 228 0.30 11.59 -11.77
N ILE A 229 0.93 12.69 -11.41
CA ILE A 229 1.91 12.69 -10.34
C ILE A 229 1.20 13.04 -9.04
N SER A 230 1.66 12.47 -7.94
CA SER A 230 1.02 12.70 -6.65
C SER A 230 1.84 12.03 -5.55
N ALA A 231 1.40 12.23 -4.31
CA ALA A 231 1.97 11.46 -3.21
C ALA A 231 1.66 9.98 -3.42
N ARG A 232 2.61 9.13 -3.05
CA ARG A 232 2.46 7.70 -3.24
C ARG A 232 3.07 6.95 -2.07
N THR A 233 2.46 5.82 -1.75
CA THR A 233 3.04 4.86 -0.81
C THR A 233 3.12 3.50 -1.50
N ALA A 234 4.08 2.69 -1.09
CA ALA A 234 4.29 1.39 -1.69
C ALA A 234 4.87 0.46 -0.65
N ILE A 235 4.68 -0.83 -0.86
CA ILE A 235 5.25 -1.85 0.00
C ILE A 235 5.78 -2.97 -0.89
N GLY A 236 7.03 -3.34 -0.69
CA GLY A 236 7.71 -4.32 -1.53
C GLY A 236 8.70 -5.12 -0.73
N HIS A 237 9.71 -5.65 -1.41
CA HIS A 237 10.73 -6.46 -0.76
C HIS A 237 11.93 -6.55 -1.68
N ASP A 238 13.08 -6.86 -1.09
CA ASP A 238 14.33 -6.98 -1.83
C ASP A 238 14.85 -8.42 -1.74
N ARG A 239 16.03 -8.63 -2.32
CA ARG A 239 16.61 -9.97 -2.35
C ARG A 239 16.66 -10.60 -0.97
N GLU A 240 17.00 -9.80 0.04
CA GLU A 240 17.24 -10.31 1.39
C GLU A 240 15.97 -10.62 2.16
N GLY A 241 14.81 -10.57 1.52
CA GLY A 241 13.57 -10.80 2.23
C GLY A 241 13.14 -9.66 3.13
N ARG A 242 13.82 -8.52 3.07
CA ARG A 242 13.44 -7.37 3.89
C ARG A 242 12.25 -6.66 3.26
N LEU A 243 11.36 -6.16 4.12
CA LEU A 243 10.22 -5.40 3.66
C LEU A 243 10.63 -3.97 3.34
N ILE A 244 10.04 -3.41 2.29
CA ILE A 244 10.26 -2.03 1.89
C ILE A 244 8.94 -1.29 2.07
N ILE A 245 8.95 -0.27 2.92
CA ILE A 245 7.78 0.56 3.16
C ILE A 245 8.12 1.96 2.65
N PHE A 246 7.62 2.29 1.47
CA PHE A 246 8.00 3.47 0.73
C PHE A 246 6.90 4.52 0.79
N HIS A 247 7.31 5.78 0.72
CA HIS A 247 6.36 6.89 0.60
C HIS A 247 7.09 8.06 -0.02
N VAL A 248 6.38 8.83 -0.85
CA VAL A 248 6.92 10.01 -1.49
C VAL A 248 5.89 11.13 -1.38
N ASP A 249 6.29 12.24 -0.78
CA ASP A 249 5.38 13.36 -0.62
C ASP A 249 5.08 14.00 -1.98
N GLY A 250 3.93 14.67 -2.05
CA GLY A 250 3.57 15.36 -3.26
C GLY A 250 2.18 15.95 -3.17
N GLN A 251 1.66 16.34 -4.33
CA GLN A 251 0.36 16.97 -4.46
C GLN A 251 -0.16 16.63 -5.84
N THR A 252 -1.37 16.07 -5.90
CA THR A 252 -1.86 15.48 -7.15
C THR A 252 -1.79 16.47 -8.30
N ASP A 253 -1.00 16.14 -9.31
CA ASP A 253 -0.84 16.96 -10.51
C ASP A 253 0.01 18.19 -10.25
N ASP A 254 0.98 18.07 -9.35
CA ASP A 254 1.89 19.17 -9.05
C ASP A 254 3.24 18.66 -8.54
N ARG A 255 3.21 17.80 -7.53
CA ARG A 255 4.41 17.28 -6.90
C ARG A 255 4.26 15.79 -6.67
N GLY A 256 5.39 15.10 -6.70
CA GLY A 256 5.42 13.67 -6.47
C GLY A 256 5.85 12.90 -7.68
N LEU A 257 5.33 11.67 -7.81
CA LEU A 257 5.68 10.77 -8.89
C LEU A 257 4.41 10.13 -9.41
N ASN A 258 4.50 9.57 -10.62
CA ASN A 258 3.45 8.71 -11.14
C ASN A 258 3.92 7.26 -11.06
N LEU A 259 2.98 6.34 -11.18
CA LEU A 259 3.29 4.93 -10.95
C LEU A 259 4.33 4.38 -11.91
N TRP A 260 4.48 4.99 -13.10
CA TRP A 260 5.58 4.62 -13.97
C TRP A 260 6.91 5.03 -13.34
N GLU A 261 7.03 6.30 -12.94
CA GLU A 261 8.23 6.75 -12.26
C GLU A 261 8.46 5.99 -10.96
N LEU A 262 7.39 5.79 -10.18
CA LEU A 262 7.54 5.10 -8.90
C LEU A 262 8.02 3.68 -9.10
N ALA A 263 7.50 2.98 -10.11
CA ALA A 263 7.94 1.62 -10.36
C ALA A 263 9.43 1.56 -10.63
N ASN A 264 9.91 2.39 -11.57
CA ASN A 264 11.33 2.39 -11.90
C ASN A 264 12.18 2.83 -10.71
N PHE A 265 11.67 3.76 -9.91
CA PHE A 265 12.42 4.20 -8.73
C PHE A 265 12.68 3.02 -7.79
N LEU A 266 11.63 2.27 -7.46
CA LEU A 266 11.80 1.11 -6.60
C LEU A 266 12.64 0.04 -7.26
N LYS A 267 12.47 -0.16 -8.56
CA LYS A 267 13.26 -1.16 -9.28
C LYS A 267 14.73 -0.78 -9.26
N ASP A 268 15.04 0.49 -9.54
CA ASP A 268 16.43 0.94 -9.51
C ASP A 268 17.07 0.69 -8.15
N GLN A 269 16.29 0.75 -7.07
CA GLN A 269 16.80 0.56 -5.73
C GLN A 269 16.81 -0.90 -5.30
N GLY A 270 16.40 -1.82 -6.18
CA GLY A 270 16.53 -3.24 -5.92
C GLY A 270 15.28 -3.93 -5.42
N VAL A 271 14.11 -3.31 -5.53
CA VAL A 271 12.86 -3.94 -5.10
C VAL A 271 12.44 -4.96 -6.15
N ILE A 272 12.16 -6.18 -5.69
CA ILE A 272 11.75 -7.24 -6.61
C ILE A 272 10.26 -7.12 -6.92
N ASN A 273 9.42 -7.24 -5.89
CA ASN A 273 7.98 -7.11 -6.02
C ASN A 273 7.47 -6.00 -5.13
N ALA A 274 6.48 -5.26 -5.61
CA ALA A 274 5.91 -4.16 -4.86
C ALA A 274 4.53 -3.85 -5.41
N ILE A 275 3.68 -3.27 -4.54
CA ILE A 275 2.35 -2.84 -4.94
C ILE A 275 2.14 -1.41 -4.47
N ASN A 276 1.26 -0.70 -5.17
CA ASN A 276 0.93 0.68 -4.84
C ASN A 276 -0.22 0.69 -3.84
N LEU A 277 0.00 1.34 -2.69
CA LEU A 277 -1.02 1.51 -1.68
C LEU A 277 -1.63 2.90 -1.82
N ASP A 278 -2.49 3.28 -0.87
CA ASP A 278 -3.21 4.53 -0.99
C ASP A 278 -2.25 5.71 -1.01
N GLY A 279 -2.47 6.63 -1.95
CA GLY A 279 -1.62 7.80 -2.10
C GLY A 279 -2.33 9.11 -1.90
N GLY A 280 -1.86 10.16 -2.57
CA GLY A 280 -2.47 11.47 -2.41
C GLY A 280 -2.43 11.93 -0.98
N GLY A 281 -3.49 12.61 -0.54
CA GLY A 281 -3.57 13.11 0.81
C GLY A 281 -3.55 12.05 1.88
N SER A 282 -3.74 10.78 1.50
CA SER A 282 -3.66 9.69 2.48
C SER A 282 -2.23 9.36 2.86
N ALA A 283 -1.26 9.70 2.02
CA ALA A 283 0.14 9.38 2.32
C ALA A 283 0.53 9.94 3.68
N THR A 284 1.03 9.08 4.55
CA THR A 284 1.37 9.46 5.91
C THR A 284 2.48 8.56 6.41
N LEU A 285 3.46 9.16 7.09
CA LEU A 285 4.56 8.43 7.70
C LEU A 285 4.74 8.93 9.13
N VAL A 286 4.54 8.04 10.09
CA VAL A 286 4.66 8.35 11.51
C VAL A 286 5.81 7.51 12.05
N ILE A 287 6.92 8.17 12.36
CA ILE A 287 8.10 7.50 12.91
C ILE A 287 8.11 7.71 14.41
N ASN A 288 8.05 6.61 15.16
CA ASN A 288 8.17 6.65 16.62
C ASN A 288 7.18 7.62 17.24
N GLY A 289 5.98 7.66 16.70
CA GLY A 289 4.87 8.38 17.28
C GLY A 289 4.63 9.77 16.73
N THR A 290 5.58 10.33 16.00
CA THR A 290 5.48 11.69 15.48
C THR A 290 5.48 11.69 13.97
N LEU A 291 4.60 12.51 13.38
CA LEU A 291 4.52 12.62 11.93
C LEU A 291 5.84 13.09 11.35
N ALA A 292 6.32 12.40 10.31
CA ALA A 292 7.64 12.64 9.75
C ALA A 292 7.63 12.94 8.26
N ASN A 293 6.46 13.21 7.67
CA ASN A 293 6.37 13.59 6.27
C ASN A 293 5.47 14.82 6.15
N TYR A 294 5.27 15.27 4.91
CA TYR A 294 4.46 16.45 4.60
C TYR A 294 3.17 16.03 3.91
N PRO A 295 2.08 15.81 4.65
CA PRO A 295 0.82 15.44 4.01
C PRO A 295 0.31 16.56 3.11
N SER A 296 -0.52 16.19 2.14
CA SER A 296 -0.97 17.13 1.13
C SER A 296 -2.36 17.68 1.38
N ASP A 297 -3.14 17.10 2.29
CA ASP A 297 -4.43 17.68 2.62
C ASP A 297 -4.24 18.94 3.46
N HIS A 298 -5.20 19.85 3.36
CA HIS A 298 -5.21 21.04 4.21
C HIS A 298 -5.98 20.76 5.49
N CYS A 299 -5.68 21.57 6.51
CA CYS A 299 -6.27 21.34 7.82
C CYS A 299 -7.73 21.76 7.86
N HIS A 300 -8.49 21.09 8.73
CA HIS A 300 -9.89 21.45 8.91
C HIS A 300 -10.05 22.88 9.40
N TYR A 301 -9.04 23.40 10.11
CA TYR A 301 -9.18 24.68 10.81
C TYR A 301 -8.51 25.85 10.10
N ASN A 302 -7.44 25.62 9.34
CA ASN A 302 -6.77 26.72 8.67
C ASN A 302 -6.58 26.42 7.19
N PRO A 303 -6.69 27.43 6.32
CA PRO A 303 -6.66 27.17 4.88
C PRO A 303 -5.27 27.08 4.27
N MET A 304 -4.21 27.35 5.03
CA MET A 304 -2.85 27.31 4.51
C MET A 304 -1.95 26.32 5.22
N TRP A 305 -2.44 25.65 6.26
CA TRP A 305 -1.66 24.64 6.97
C TRP A 305 -2.10 23.25 6.53
N ARG A 306 -1.12 22.37 6.34
CA ARG A 306 -1.37 21.03 5.86
C ARG A 306 -1.49 20.07 7.05
N CYS A 307 -2.46 19.16 6.96
CA CYS A 307 -2.73 18.20 8.01
C CYS A 307 -2.73 16.78 7.44
N PRO A 308 -2.41 15.78 8.26
CA PRO A 308 -2.60 14.39 7.83
C PRO A 308 -4.09 14.06 7.73
N ARG A 309 -4.37 12.97 7.03
CA ARG A 309 -5.73 12.55 6.74
C ARG A 309 -6.18 11.44 7.68
N SER A 310 -7.49 11.39 7.93
CA SER A 310 -8.11 10.26 8.62
C SER A 310 -8.25 9.14 7.61
N ILE A 311 -7.39 8.13 7.72
CA ILE A 311 -7.31 7.06 6.73
C ILE A 311 -7.90 5.79 7.31
N SER A 312 -7.82 4.69 6.54
CA SER A 312 -8.40 3.42 6.96
C SER A 312 -7.36 2.53 7.62
N THR A 313 -7.04 1.39 7.00
CA THR A 313 -6.07 0.48 7.58
C THR A 313 -4.70 1.14 7.67
N VAL A 314 -3.80 0.51 8.41
CA VAL A 314 -2.46 1.02 8.66
C VAL A 314 -1.46 -0.12 8.58
N VAL A 315 -0.27 0.19 8.10
CA VAL A 315 0.85 -0.73 8.12
C VAL A 315 1.78 -0.30 9.25
N CYS A 316 2.02 -1.20 10.20
CA CYS A 316 2.78 -0.90 11.40
C CYS A 316 3.96 -1.84 11.50
N VAL A 317 5.11 -1.30 11.90
CA VAL A 317 6.29 -2.07 12.24
C VAL A 317 6.52 -1.92 13.74
N HIS A 318 6.63 -3.04 14.45
CA HIS A 318 6.74 -3.04 15.89
C HIS A 318 7.83 -4.03 16.29
N GLU A 319 8.01 -4.17 17.60
CA GLU A 319 8.98 -5.13 18.13
C GLU A 319 8.48 -6.55 17.86
N PRO A 320 9.40 -7.52 17.80
CA PRO A 320 8.95 -8.91 17.66
C PRO A 320 7.93 -9.27 18.71
N PHE A 321 7.10 -10.28 18.46
CA PHE A 321 6.00 -10.64 19.35
C PHE A 321 6.32 -11.96 20.05
N CYS A 322 6.24 -11.94 21.39
CA CYS A 322 6.56 -13.09 22.23
C CYS A 322 7.93 -13.69 21.88
N ASP A 323 8.94 -12.80 21.74
CA ASP A 323 10.27 -13.31 21.41
C ASP A 323 11.40 -12.74 22.27
N PRO A 324 11.79 -11.46 22.22
CA PRO A 324 13.01 -11.05 22.99
C PRO A 324 12.78 -11.12 24.49
N PRO A 325 11.60 -10.66 24.99
CA PRO A 325 11.14 -10.91 26.37
C PRO A 325 9.96 -11.86 26.46
#